data_9E0S
#
_entry.id   9E0S
#
_cell.length_a   110.776
_cell.length_b   110.776
_cell.length_c   101.898
_cell.angle_alpha   90.000
_cell.angle_beta   90.000
_cell.angle_gamma   90.000
#
_symmetry.space_group_name_H-M   'P 4 2 2'
#
loop_
_entity.id
_entity.type
_entity.pdbx_description
1 polymer 'Sec-independent protein translocase protein TatC'
2 non-polymer 'SULFATE ION'
3 water water
#
_entity_poly.entity_id   1
_entity_poly.type   'polypeptide(L)'
_entity_poly.pdbx_seq_one_letter_code
;(MSE)GS(MSE)FTFLLNEEETLALEQRLDTARLRADDALRFLRLGEAEEAGRIAKETSTQLRAEGQGQAPAPEVAPAAS
VE(MSE)TGRLDGLGRLLDAASVGYGAQSRGVLRQAVEKRVEAVTAYEKKDFAAAAAA(MSE)DGSASLLAGIAPTRTEE
LAGLWRLEKELATAHAAHEAARWTRP(MSE)LS(MSE)HEQLSENLYFQ
;
_entity_poly.pdbx_strand_id   A,B,C
#
# COMPACT_ATOMS: atom_id res chain seq x y z
N GLY A 2 26.11 13.52 -31.89
CA GLY A 2 25.01 12.80 -31.26
C GLY A 2 25.26 11.31 -31.20
N SER A 3 26.35 10.91 -30.57
CA SER A 3 26.60 9.51 -30.25
C SER A 3 26.19 9.22 -28.80
N PHE A 5 26.50 6.76 -25.34
CA PHE A 5 27.34 5.84 -24.58
C PHE A 5 26.67 5.57 -23.25
N THR A 6 26.76 4.33 -22.79
CA THR A 6 26.20 3.96 -21.50
C THR A 6 27.31 3.45 -20.60
N PHE A 7 27.33 3.95 -19.37
CA PHE A 7 28.23 3.45 -18.34
C PHE A 7 27.41 2.49 -17.48
N LEU A 8 27.81 1.23 -17.46
CA LEU A 8 27.19 0.22 -16.63
C LEU A 8 27.92 0.13 -15.30
N LEU A 9 27.19 0.31 -14.21
CA LEU A 9 27.78 0.35 -12.89
C LEU A 9 27.00 -0.54 -11.95
N ASN A 10 27.72 -1.24 -11.06
CA ASN A 10 27.09 -2.09 -10.05
C ASN A 10 27.11 -1.37 -8.71
N GLU A 11 25.94 -0.92 -8.26
CA GLU A 11 25.83 -0.12 -7.04
C GLU A 11 25.44 -0.99 -5.85
N GLU A 12 26.38 -1.84 -5.44
CA GLU A 12 26.13 -2.70 -4.29
C GLU A 12 25.84 -1.89 -3.03
N GLU A 13 26.56 -0.79 -2.83
CA GLU A 13 26.38 0.02 -1.63
C GLU A 13 25.01 0.69 -1.62
N THR A 14 24.55 1.18 -2.77
CA THR A 14 23.22 1.78 -2.84
C THR A 14 22.14 0.75 -2.55
N LEU A 15 22.28 -0.47 -3.09
CA LEU A 15 21.31 -1.52 -2.82
C LEU A 15 21.28 -1.86 -1.33
N ALA A 16 22.45 -1.92 -0.69
CA ALA A 16 22.51 -2.21 0.73
C ALA A 16 21.84 -1.12 1.54
N LEU A 17 22.04 0.14 1.14
CA LEU A 17 21.37 1.26 1.81
C LEU A 17 19.86 1.13 1.68
N GLU A 18 19.39 0.80 0.47
CA GLU A 18 17.96 0.60 0.26
C GLU A 18 17.42 -0.52 1.14
N GLN A 19 18.09 -1.66 1.19
CA GLN A 19 17.60 -2.76 2.01
C GLN A 19 17.56 -2.37 3.49
N ARG A 20 18.57 -1.63 3.96
CA ARG A 20 18.56 -1.14 5.34
C ARG A 20 17.30 -0.31 5.63
N LEU A 21 16.90 0.55 4.69
CA LEU A 21 15.66 1.32 4.89
C LEU A 21 14.44 0.42 4.79
N ASP A 22 14.46 -0.54 3.86
CA ASP A 22 13.34 -1.47 3.75
C ASP A 22 13.16 -2.28 5.03
N THR A 23 14.26 -2.73 5.62
CA THR A 23 14.16 -3.50 6.85
C THR A 23 13.68 -2.63 8.01
N ALA A 24 14.17 -1.38 8.08
CA ALA A 24 13.68 -0.46 9.10
C ALA A 24 12.19 -0.20 8.94
N ARG A 25 11.69 -0.21 7.71
CA ARG A 25 10.25 -0.13 7.46
C ARG A 25 9.54 -1.34 8.05
N LEU A 26 10.12 -2.53 7.90
CA LEU A 26 9.52 -3.72 8.49
C LEU A 26 9.49 -3.62 10.01
N ARG A 27 10.57 -3.12 10.62
CA ARG A 27 10.60 -2.96 12.08
C ARG A 27 9.57 -1.94 12.53
N ALA A 28 9.53 -0.78 11.86
CA ALA A 28 8.55 0.23 12.20
C ALA A 28 7.12 -0.29 12.06
N ASP A 29 6.86 -1.08 11.01
CA ASP A 29 5.52 -1.64 10.83
C ASP A 29 5.16 -2.56 11.99
N ASP A 30 6.11 -3.36 12.47
CA ASP A 30 5.77 -4.28 13.55
C ASP A 30 5.58 -3.55 14.88
N ALA A 31 6.30 -2.45 15.10
CA ALA A 31 5.98 -1.55 16.19
C ALA A 31 4.53 -1.06 16.09
N LEU A 32 4.12 -0.65 14.89
CA LEU A 32 2.74 -0.21 14.70
C LEU A 32 1.76 -1.36 14.90
N ARG A 33 2.15 -2.59 14.55
CA ARG A 33 1.28 -3.73 14.82
C ARG A 33 1.03 -3.89 16.32
N PHE A 34 2.07 -3.67 17.13
CA PHE A 34 1.84 -3.73 18.58
C PHE A 34 0.91 -2.62 19.03
N LEU A 35 1.03 -1.42 18.44
CA LEU A 35 0.12 -0.33 18.80
C LEU A 35 -1.31 -0.67 18.42
N ARG A 36 -1.52 -1.37 17.30
CA ARG A 36 -2.85 -1.78 16.89
C ARG A 36 -3.50 -2.75 17.87
N LEU A 37 -2.70 -3.38 18.73
CA LEU A 37 -3.18 -4.26 19.77
C LEU A 37 -3.18 -3.60 21.14
N GLY A 38 -3.09 -2.29 21.21
CA GLY A 38 -3.03 -1.60 22.49
C GLY A 38 -1.75 -1.80 23.27
N GLU A 39 -0.70 -2.35 22.65
CA GLU A 39 0.55 -2.65 23.34
C GLU A 39 1.56 -1.52 23.12
N ALA A 40 1.24 -0.37 23.71
CA ALA A 40 2.07 0.81 23.48
C ALA A 40 3.48 0.62 24.04
N GLU A 41 3.61 -0.06 25.18
CA GLU A 41 4.94 -0.27 25.78
C GLU A 41 5.87 -0.97 24.80
N GLU A 42 5.43 -2.07 24.20
CA GLU A 42 6.31 -2.79 23.28
C GLU A 42 6.49 -2.02 21.98
N ALA A 43 5.46 -1.33 21.50
CA ALA A 43 5.59 -0.50 20.30
C ALA A 43 6.72 0.51 20.47
N GLY A 44 6.71 1.26 21.57
CA GLY A 44 7.75 2.26 21.79
C GLY A 44 9.13 1.66 21.98
N ARG A 45 9.19 0.47 22.61
CA ARG A 45 10.47 -0.19 22.77
C ARG A 45 11.10 -0.51 21.42
N ILE A 46 10.31 -1.09 20.50
CA ILE A 46 10.83 -1.42 19.18
C ILE A 46 11.20 -0.14 18.43
N ALA A 47 10.38 0.90 18.57
CA ALA A 47 10.67 2.18 17.94
C ALA A 47 12.01 2.73 18.42
N LYS A 48 12.22 2.76 19.74
CA LYS A 48 13.50 3.24 20.27
C LYS A 48 14.67 2.41 19.75
N GLU A 49 14.51 1.09 19.74
CA GLU A 49 15.60 0.21 19.30
C GLU A 49 15.85 0.37 17.80
N THR A 50 14.80 0.61 17.02
CA THR A 50 14.95 0.79 15.59
C THR A 50 15.57 2.15 15.27
N SER A 51 15.19 3.19 16.03
CA SER A 51 15.79 4.51 15.84
C SER A 51 17.26 4.51 16.19
N THR A 52 17.63 3.82 17.27
CA THR A 52 19.04 3.69 17.62
C THR A 52 19.83 3.03 16.50
N GLN A 53 19.36 1.87 16.04
CA GLN A 53 20.07 1.16 14.99
C GLN A 53 20.18 2.00 13.72
N LEU A 54 19.12 2.75 13.39
CA LEU A 54 19.15 3.60 12.22
C LEU A 54 20.15 4.74 12.37
N ARG A 55 20.32 5.25 13.60
CA ARG A 55 21.28 6.31 13.84
C ARG A 55 22.71 5.81 13.71
N ALA A 56 23.01 4.66 14.34
CA ALA A 56 24.34 4.09 14.24
C ALA A 56 24.75 3.85 12.79
N GLU A 57 23.83 3.31 11.99
CA GLU A 57 24.10 2.99 10.59
C GLU A 57 23.93 4.21 9.69
N ALA A 68 21.56 17.25 2.88
CA ALA A 68 20.39 18.09 3.06
C ALA A 68 19.24 17.66 2.14
N PRO A 69 18.20 17.07 2.73
CA PRO A 69 17.08 16.57 1.93
C PRO A 69 16.33 17.69 1.23
N ALA A 70 15.55 17.31 0.22
CA ALA A 70 14.61 18.21 -0.42
C ALA A 70 13.35 18.34 0.44
N ALA A 71 12.87 19.57 0.61
CA ALA A 71 11.79 19.82 1.56
C ALA A 71 10.51 19.11 1.15
N SER A 72 10.08 19.29 -0.12
CA SER A 72 8.81 18.71 -0.55
C SER A 72 8.80 17.19 -0.40
N VAL A 73 9.92 16.54 -0.72
CA VAL A 73 10.01 15.08 -0.62
C VAL A 73 9.96 14.63 0.83
N GLU A 74 10.66 15.33 1.72
CA GLU A 74 10.62 14.97 3.12
C GLU A 74 9.21 15.16 3.69
N THR A 76 6.26 15.04 2.04
CA THR A 76 5.41 13.96 1.55
C THR A 76 5.64 12.69 2.35
N GLY A 77 6.91 12.39 2.65
CA GLY A 77 7.21 11.22 3.47
C GLY A 77 6.69 11.35 4.89
N ARG A 78 6.78 12.55 5.46
CA ARG A 78 6.27 12.75 6.81
C ARG A 78 4.76 12.56 6.85
N LEU A 79 4.04 13.10 5.86
CA LEU A 79 2.60 12.94 5.81
C LEU A 79 2.21 11.46 5.74
N ASP A 80 2.98 10.68 4.98
CA ASP A 80 2.70 9.24 4.92
C ASP A 80 2.98 8.56 6.25
N GLY A 81 4.06 8.96 6.92
CA GLY A 81 4.33 8.42 8.23
C GLY A 81 3.24 8.74 9.22
N LEU A 82 2.74 9.99 9.20
CA LEU A 82 1.64 10.36 10.09
C LEU A 82 0.40 9.53 9.81
N GLY A 83 0.13 9.28 8.53
CA GLY A 83 -1.01 8.45 8.17
C GLY A 83 -0.91 7.05 8.75
N ARG A 84 0.29 6.44 8.68
CA ARG A 84 0.49 5.11 9.23
C ARG A 84 0.28 5.09 10.74
N LEU A 85 0.76 6.12 11.43
CA LEU A 85 0.57 6.22 12.87
C LEU A 85 -0.90 6.43 13.23
N LEU A 86 -1.60 7.33 12.52
CA LEU A 86 -3.02 7.54 12.84
C LEU A 86 -3.84 6.29 12.57
N ASP A 87 -3.49 5.53 11.52
CA ASP A 87 -4.25 4.33 11.20
C ASP A 87 -4.03 3.26 12.25
N ALA A 88 -2.78 3.05 12.66
CA ALA A 88 -2.52 2.08 13.72
C ALA A 88 -3.22 2.48 15.01
N ALA A 89 -3.15 3.76 15.38
CA ALA A 89 -3.76 4.23 16.62
C ALA A 89 -5.28 4.11 16.58
N SER A 90 -5.88 4.38 15.42
CA SER A 90 -7.32 4.22 15.31
C SER A 90 -7.73 2.78 15.55
N VAL A 91 -6.96 1.81 15.07
CA VAL A 91 -7.33 0.42 15.30
C VAL A 91 -7.12 0.04 16.77
N GLY A 92 -5.99 0.46 17.34
CA GLY A 92 -5.66 0.06 18.70
C GLY A 92 -6.51 0.73 19.76
N TYR A 93 -7.01 1.93 19.49
CA TYR A 93 -7.66 2.72 20.54
C TYR A 93 -8.96 3.36 20.11
N GLY A 94 -9.41 3.12 18.88
CA GLY A 94 -10.63 3.75 18.42
C GLY A 94 -11.86 3.37 19.23
N ALA A 95 -11.84 2.23 19.92
CA ALA A 95 -13.01 1.82 20.69
C ALA A 95 -13.29 2.73 21.88
N GLN A 96 -12.28 3.42 22.41
CA GLN A 96 -12.49 4.25 23.61
C GLN A 96 -12.00 5.68 23.49
N SER A 97 -11.16 6.02 22.51
CA SER A 97 -10.50 7.33 22.45
C SER A 97 -10.84 8.08 21.16
N ARG A 98 -12.07 7.95 20.68
CA ARG A 98 -12.41 8.58 19.40
C ARG A 98 -12.32 10.09 19.45
N GLY A 99 -12.63 10.72 20.59
CA GLY A 99 -12.58 12.17 20.65
C GLY A 99 -11.17 12.69 20.39
N VAL A 100 -10.19 12.09 21.04
CA VAL A 100 -8.80 12.47 20.85
C VAL A 100 -8.38 12.20 19.40
N LEU A 101 -8.69 11.01 18.90
CA LEU A 101 -8.25 10.65 17.54
C LEU A 101 -8.87 11.56 16.49
N ARG A 102 -10.13 11.97 16.69
CA ARG A 102 -10.73 12.90 15.74
C ARG A 102 -9.98 14.23 15.69
N GLN A 103 -9.56 14.74 16.85
CA GLN A 103 -8.74 15.94 16.87
C GLN A 103 -7.44 15.73 16.12
N ALA A 104 -6.83 14.56 16.29
CA ALA A 104 -5.57 14.29 15.61
C ALA A 104 -5.76 14.28 14.10
N VAL A 105 -6.88 13.70 13.62
CA VAL A 105 -7.09 13.65 12.18
C VAL A 105 -7.37 15.05 11.64
N GLU A 106 -8.08 15.89 12.41
CA GLU A 106 -8.29 17.28 12.02
C GLU A 106 -6.98 18.00 11.77
N LYS A 107 -5.95 17.71 12.57
CA LYS A 107 -4.67 18.36 12.39
C LYS A 107 -3.96 17.86 11.14
N ARG A 108 -4.08 16.56 10.86
CA ARG A 108 -3.52 16.04 9.62
C ARG A 108 -4.18 16.69 8.41
N VAL A 109 -5.48 16.97 8.49
CA VAL A 109 -6.15 17.70 7.40
C VAL A 109 -5.58 19.10 7.24
N GLU A 110 -5.36 19.81 8.36
CA GLU A 110 -4.69 21.11 8.29
C GLU A 110 -3.31 20.98 7.65
N ALA A 111 -2.58 19.92 7.99
CA ALA A 111 -1.25 19.73 7.45
C ALA A 111 -1.28 19.57 5.94
N VAL A 112 -2.26 18.81 5.43
CA VAL A 112 -2.39 18.59 4.00
C VAL A 112 -2.71 19.90 3.29
N THR A 113 -3.61 20.71 3.86
CA THR A 113 -3.92 22.01 3.28
C THR A 113 -2.68 22.90 3.23
N ALA A 114 -1.94 22.98 4.34
CA ALA A 114 -0.71 23.77 4.34
C ALA A 114 0.28 23.23 3.32
N TYR A 115 0.39 21.90 3.23
CA TYR A 115 1.29 21.27 2.27
C TYR A 115 0.92 21.62 0.82
N GLU A 116 -0.38 21.61 0.51
CA GLU A 116 -0.86 21.97 -0.81
C GLU A 116 -0.46 23.38 -1.19
N LYS A 117 -0.45 24.29 -0.22
CA LYS A 117 -0.02 25.67 -0.44
C LYS A 117 1.48 25.84 -0.31
N LYS A 118 2.23 24.76 -0.10
CA LYS A 118 3.66 24.82 0.09
C LYS A 118 4.03 25.74 1.26
N ASP A 119 3.14 25.80 2.25
CA ASP A 119 3.43 26.41 3.54
C ASP A 119 3.97 25.31 4.43
N PHE A 120 5.26 24.97 4.24
CA PHE A 120 5.79 23.78 4.91
C PHE A 120 6.02 24.00 6.40
N ALA A 121 6.28 25.23 6.86
CA ALA A 121 6.35 25.46 8.29
C ALA A 121 5.04 25.10 8.97
N ALA A 122 3.91 25.61 8.43
CA ALA A 122 2.60 25.29 8.97
C ALA A 122 2.28 23.80 8.82
N ALA A 123 2.68 23.19 7.70
CA ALA A 123 2.44 21.75 7.53
C ALA A 123 3.19 20.95 8.59
N ALA A 124 4.47 21.28 8.82
CA ALA A 124 5.25 20.56 9.82
C ALA A 124 4.69 20.76 11.22
N ALA A 125 4.26 21.99 11.53
CA ALA A 125 3.67 22.24 12.84
C ALA A 125 2.39 21.46 13.04
N ALA A 126 1.52 21.40 12.02
CA ALA A 126 0.27 20.67 12.14
C ALA A 126 0.52 19.17 12.33
N ASP A 128 3.15 17.65 13.68
CA ASP A 128 3.59 17.46 15.07
C ASP A 128 2.41 17.57 16.02
N GLY A 129 1.53 18.55 15.80
CA GLY A 129 0.34 18.68 16.64
C GLY A 129 -0.56 17.45 16.53
N SER A 130 -0.73 16.94 15.32
CA SER A 130 -1.53 15.73 15.14
C SER A 130 -0.95 14.56 15.93
N ALA A 131 0.36 14.34 15.82
CA ALA A 131 0.99 13.23 16.53
C ALA A 131 0.94 13.45 18.04
N SER A 132 1.15 14.69 18.51
CA SER A 132 1.08 14.96 19.94
C SER A 132 -0.29 14.63 20.50
N LEU A 133 -1.35 14.94 19.74
CA LEU A 133 -2.70 14.66 20.24
C LEU A 133 -2.92 13.18 20.41
N LEU A 134 -2.24 12.35 19.60
CA LEU A 134 -2.33 10.90 19.73
C LEU A 134 -1.92 10.42 21.11
N ALA A 135 -0.95 11.11 21.73
CA ALA A 135 -0.50 10.75 23.06
C ALA A 135 -1.68 10.53 24.00
N GLY A 136 -2.76 11.27 23.81
CA GLY A 136 -3.90 11.18 24.70
C GLY A 136 -4.59 9.84 24.71
N ILE A 137 -4.33 8.97 23.72
CA ILE A 137 -5.01 7.67 23.72
C ILE A 137 -4.43 6.73 24.78
N ALA A 138 -3.18 6.93 25.17
CA ALA A 138 -2.56 6.10 26.20
C ALA A 138 -1.76 7.04 27.09
N PRO A 139 -2.40 7.66 28.08
CA PRO A 139 -1.76 8.78 28.78
C PRO A 139 -0.54 8.40 29.61
N THR A 140 -0.35 7.14 29.97
CA THR A 140 0.88 6.71 30.65
C THR A 140 1.95 6.25 29.66
N ARG A 141 1.66 6.28 28.37
CA ARG A 141 2.61 5.79 27.38
C ARG A 141 2.90 6.85 26.33
N THR A 142 2.79 8.12 26.70
CA THR A 142 2.94 9.16 25.68
C THR A 142 4.39 9.25 25.22
N GLU A 143 5.35 8.85 26.06
CA GLU A 143 6.73 8.74 25.59
C GLU A 143 6.86 7.72 24.46
N GLU A 144 6.18 6.58 24.58
CA GLU A 144 6.26 5.57 23.53
C GLU A 144 5.63 6.07 22.23
N LEU A 145 4.48 6.74 22.34
CA LEU A 145 3.79 7.27 21.17
C LEU A 145 4.61 8.35 20.49
N ALA A 146 5.27 9.20 21.28
CA ALA A 146 6.22 10.16 20.72
C ALA A 146 7.36 9.45 20.03
N GLY A 147 7.79 8.32 20.57
CA GLY A 147 8.90 7.60 19.95
C GLY A 147 8.53 7.03 18.61
N LEU A 148 7.29 6.53 18.48
CA LEU A 148 6.78 6.08 17.20
C LEU A 148 6.83 7.20 16.16
N TRP A 149 6.36 8.40 16.53
CA TRP A 149 6.35 9.52 15.59
C TRP A 149 7.76 9.97 15.23
N ARG A 150 8.67 10.04 16.20
CA ARG A 150 10.07 10.34 15.86
C ARG A 150 10.62 9.34 14.86
N LEU A 151 10.32 8.05 15.03
CA LEU A 151 10.83 7.06 14.09
C LEU A 151 10.28 7.30 12.68
N GLU A 152 8.98 7.61 12.56
CA GLU A 152 8.42 7.87 11.24
C GLU A 152 9.04 9.11 10.60
N LYS A 153 9.34 10.15 11.41
CA LYS A 153 10.01 11.32 10.86
C LYS A 153 11.47 11.02 10.49
N GLU A 154 12.17 10.25 11.32
CA GLU A 154 13.52 9.84 10.97
C GLU A 154 13.55 9.03 9.69
N LEU A 155 12.57 8.14 9.49
CA LEU A 155 12.51 7.37 8.25
C LEU A 155 12.22 8.27 7.06
N ALA A 156 11.36 9.27 7.23
CA ALA A 156 11.09 10.17 6.13
C ALA A 156 12.32 11.03 5.81
N THR A 157 13.08 11.42 6.84
CA THR A 157 14.33 12.13 6.60
C THR A 157 15.36 11.23 5.90
N ALA A 158 15.44 9.96 6.30
CA ALA A 158 16.42 9.06 5.68
C ALA A 158 16.09 8.78 4.22
N HIS A 159 14.80 8.67 3.89
CA HIS A 159 14.42 8.45 2.49
C HIS A 159 14.66 9.70 1.65
N ALA A 160 14.36 10.87 2.20
CA ALA A 160 14.63 12.11 1.48
C ALA A 160 16.12 12.33 1.31
N ALA A 161 16.91 12.07 2.37
CA ALA A 161 18.36 12.13 2.24
C ALA A 161 18.87 11.13 1.19
N HIS A 162 18.36 9.90 1.24
CA HIS A 162 18.74 8.90 0.24
C HIS A 162 18.39 9.37 -1.16
N GLU A 163 17.19 9.94 -1.34
CA GLU A 163 16.78 10.41 -2.66
C GLU A 163 17.67 11.55 -3.14
N ALA A 164 18.00 12.48 -2.26
CA ALA A 164 18.83 13.61 -2.64
C ALA A 164 20.20 13.17 -3.12
N ALA A 165 20.82 12.21 -2.44
CA ALA A 165 22.14 11.72 -2.80
C ALA A 165 22.08 10.50 -3.73
N ARG A 166 20.95 10.28 -4.39
CA ARG A 166 20.80 9.09 -5.21
C ARG A 166 21.70 9.11 -6.44
N TRP A 167 21.94 10.28 -7.01
CA TRP A 167 22.73 10.37 -8.24
C TRP A 167 24.16 10.80 -8.01
N THR A 168 24.39 11.62 -6.99
CA THR A 168 25.77 12.01 -6.68
C THR A 168 26.62 10.79 -6.34
N ARG A 169 26.03 9.80 -5.65
CA ARG A 169 26.80 8.60 -5.30
C ARG A 169 27.34 7.89 -6.54
N PRO A 170 26.52 7.43 -7.49
CA PRO A 170 27.09 6.74 -8.66
C PRO A 170 27.86 7.65 -9.60
N LEU A 172 29.88 10.10 -8.67
CA LEU A 172 31.23 10.19 -8.11
C LEU A 172 32.00 8.89 -8.33
N SER A 173 31.32 7.75 -8.25
CA SER A 173 31.99 6.49 -8.51
C SER A 173 32.44 6.38 -9.96
N HIS A 175 33.00 8.94 -11.98
CA HIS A 175 34.03 9.94 -12.18
C HIS A 175 35.38 9.41 -11.74
N GLU A 176 35.40 8.70 -10.60
CA GLU A 176 36.63 8.12 -10.07
C GLU A 176 37.15 7.00 -10.96
N GLN A 177 36.25 6.15 -11.48
CA GLN A 177 36.71 5.08 -12.36
C GLN A 177 37.26 5.64 -13.67
N LEU A 178 36.61 6.66 -14.22
CA LEU A 178 37.15 7.27 -15.44
C LEU A 178 38.51 7.92 -15.19
N SER A 179 38.65 8.61 -14.05
CA SER A 179 39.93 9.23 -13.73
C SER A 179 41.02 8.18 -13.63
N GLU A 180 40.73 7.07 -12.97
CA GLU A 180 41.71 5.99 -12.83
C GLU A 180 42.13 5.47 -14.20
N ASN A 181 41.16 5.19 -15.07
CA ASN A 181 41.49 4.62 -16.37
C ASN A 181 42.19 5.61 -17.27
N LEU A 182 41.88 6.90 -17.15
CA LEU A 182 42.46 7.88 -18.06
C LEU A 182 43.88 8.27 -17.65
N TYR A 183 44.16 8.35 -16.35
CA TYR A 183 45.39 8.96 -15.88
C TYR A 183 46.27 8.07 -15.01
N PHE A 184 45.80 6.90 -14.59
CA PHE A 184 46.59 6.07 -13.70
C PHE A 184 46.77 4.66 -14.24
N GLN A 185 46.66 4.48 -15.56
CA GLN A 185 46.89 3.16 -16.16
C GLN A 185 48.17 3.13 -16.99
N GLY B 2 19.43 -8.55 -23.02
CA GLY B 2 18.55 -8.63 -24.18
C GLY B 2 18.94 -7.60 -25.24
N SER B 3 17.96 -7.12 -25.99
CA SER B 3 18.16 -6.10 -27.01
C SER B 3 17.44 -4.83 -26.62
N PHE B 5 16.33 -0.84 -27.66
CA PHE B 5 16.13 0.24 -28.62
C PHE B 5 15.72 1.47 -27.85
N THR B 6 16.49 2.55 -28.00
CA THR B 6 16.31 3.76 -27.22
C THR B 6 15.83 4.90 -28.10
N PHE B 7 14.67 5.47 -27.76
CA PHE B 7 14.09 6.62 -28.43
C PHE B 7 14.35 7.89 -27.64
N LEU B 8 14.53 8.97 -28.38
CA LEU B 8 14.61 10.33 -27.83
C LEU B 8 13.34 11.05 -28.25
N LEU B 9 12.49 11.38 -27.29
CA LEU B 9 11.18 11.96 -27.58
C LEU B 9 11.10 13.34 -26.95
N ASN B 10 10.09 14.11 -27.38
CA ASN B 10 9.83 15.42 -26.79
C ASN B 10 8.94 15.26 -25.56
N GLU B 11 9.38 15.85 -24.45
CA GLU B 11 8.74 15.61 -23.17
C GLU B 11 7.32 16.17 -23.13
N GLU B 12 6.42 15.37 -22.57
CA GLU B 12 5.09 15.84 -22.14
C GLU B 12 5.11 15.93 -20.62
N GLU B 13 4.98 17.14 -20.09
CA GLU B 13 5.08 17.36 -18.65
C GLU B 13 3.70 17.23 -18.00
N THR B 14 3.61 16.38 -16.99
CA THR B 14 2.35 16.15 -16.28
C THR B 14 2.51 16.31 -14.77
N LEU B 15 3.58 16.97 -14.31
CA LEU B 15 3.90 16.99 -12.89
C LEU B 15 2.79 17.65 -12.06
N ALA B 16 2.32 18.82 -12.50
CA ALA B 16 1.27 19.51 -11.75
C ALA B 16 0.00 18.68 -11.68
N LEU B 17 -0.28 17.88 -12.72
CA LEU B 17 -1.45 17.00 -12.68
C LEU B 17 -1.22 15.82 -11.75
N GLU B 18 -0.02 15.25 -11.78
CA GLU B 18 0.32 14.17 -10.85
C GLU B 18 0.17 14.62 -9.40
N GLN B 19 0.68 15.82 -9.08
CA GLN B 19 0.56 16.33 -7.72
C GLN B 19 -0.89 16.59 -7.34
N ARG B 20 -1.70 17.03 -8.30
CA ARG B 20 -3.09 17.33 -8.03
C ARG B 20 -3.89 16.07 -7.68
N LEU B 21 -3.66 14.97 -8.42
CA LEU B 21 -4.29 13.71 -8.06
C LEU B 21 -3.74 13.16 -6.76
N ASP B 22 -2.44 13.33 -6.51
CA ASP B 22 -1.84 12.88 -5.26
C ASP B 22 -2.46 13.60 -4.08
N THR B 23 -2.73 14.89 -4.23
CA THR B 23 -3.34 15.65 -3.14
C THR B 23 -4.79 15.25 -2.94
N ALA B 24 -5.54 15.09 -4.03
CA ALA B 24 -6.90 14.57 -3.92
C ALA B 24 -6.93 13.21 -3.22
N ARG B 25 -5.93 12.35 -3.48
CA ARG B 25 -5.87 11.05 -2.81
C ARG B 25 -5.61 11.21 -1.31
N LEU B 26 -4.74 12.15 -0.93
CA LEU B 26 -4.54 12.43 0.49
C LEU B 26 -5.84 12.90 1.15
N ARG B 27 -6.60 13.76 0.46
CA ARG B 27 -7.86 14.27 1.00
C ARG B 27 -8.84 13.12 1.20
N ALA B 28 -9.00 12.28 0.19
CA ALA B 28 -9.91 11.14 0.29
C ALA B 28 -9.47 10.19 1.39
N ASP B 29 -8.16 10.00 1.56
CA ASP B 29 -7.66 9.16 2.64
C ASP B 29 -8.06 9.73 3.99
N ASP B 30 -7.98 11.04 4.15
CA ASP B 30 -8.36 11.61 5.44
C ASP B 30 -9.87 11.59 5.66
N ALA B 31 -10.66 11.73 4.60
CA ALA B 31 -12.10 11.51 4.75
C ALA B 31 -12.36 10.10 5.27
N LEU B 32 -11.61 9.12 4.74
CA LEU B 32 -11.76 7.74 5.19
C LEU B 32 -11.25 7.56 6.62
N ARG B 33 -10.24 8.34 7.03
CA ARG B 33 -9.78 8.28 8.42
C ARG B 33 -10.86 8.75 9.38
N PHE B 34 -11.63 9.77 8.99
CA PHE B 34 -12.79 10.15 9.80
C PHE B 34 -13.85 9.06 9.84
N LEU B 35 -14.07 8.36 8.73
CA LEU B 35 -15.00 7.25 8.73
C LEU B 35 -14.51 6.13 9.66
N ARG B 36 -13.21 5.87 9.68
CA ARG B 36 -12.65 4.88 10.60
C ARG B 36 -12.87 5.25 12.07
N LEU B 37 -13.21 6.50 12.35
CA LEU B 37 -13.55 6.95 13.70
C LEU B 37 -15.04 7.15 13.89
N GLY B 38 -15.87 6.63 12.98
CA GLY B 38 -17.30 6.82 13.10
C GLY B 38 -17.78 8.22 12.82
N GLU B 39 -16.96 9.05 12.18
CA GLU B 39 -17.33 10.44 11.90
C GLU B 39 -17.74 10.60 10.44
N ALA B 40 -18.92 10.07 10.12
CA ALA B 40 -19.36 10.11 8.72
C ALA B 40 -19.70 11.51 8.28
N GLU B 41 -20.23 12.35 9.18
CA GLU B 41 -20.56 13.72 8.79
C GLU B 41 -19.33 14.43 8.24
N GLU B 42 -18.23 14.39 8.98
CA GLU B 42 -17.04 15.10 8.54
C GLU B 42 -16.41 14.42 7.33
N ALA B 43 -16.37 13.08 7.34
CA ALA B 43 -15.90 12.35 6.15
C ALA B 43 -16.65 12.79 4.91
N GLY B 44 -17.98 12.92 5.01
CA GLY B 44 -18.77 13.32 3.86
C GLY B 44 -18.51 14.75 3.43
N ARG B 45 -18.31 15.65 4.39
CA ARG B 45 -18.05 17.04 4.02
C ARG B 45 -16.72 17.17 3.28
N ILE B 46 -15.68 16.49 3.77
CA ILE B 46 -14.40 16.49 3.07
C ILE B 46 -14.56 15.92 1.66
N ALA B 47 -15.30 14.82 1.54
CA ALA B 47 -15.44 14.19 0.23
C ALA B 47 -16.14 15.11 -0.75
N LYS B 48 -17.18 15.82 -0.29
CA LYS B 48 -17.90 16.73 -1.18
C LYS B 48 -17.00 17.83 -1.69
N GLU B 49 -16.19 18.42 -0.80
CA GLU B 49 -15.29 19.49 -1.23
C GLU B 49 -14.20 18.96 -2.15
N THR B 50 -13.70 17.75 -1.88
CA THR B 50 -12.67 17.19 -2.74
C THR B 50 -13.23 16.93 -4.13
N SER B 51 -14.41 16.32 -4.21
CA SER B 51 -15.06 16.11 -5.51
C SER B 51 -15.25 17.42 -6.25
N THR B 52 -15.73 18.44 -5.53
CA THR B 52 -15.93 19.75 -6.15
C THR B 52 -14.61 20.29 -6.71
N GLN B 53 -13.54 20.22 -5.91
CA GLN B 53 -12.24 20.74 -6.35
C GLN B 53 -11.69 19.92 -7.51
N LEU B 54 -11.87 18.60 -7.47
CA LEU B 54 -11.38 17.74 -8.54
C LEU B 54 -12.08 18.03 -9.87
N ARG B 55 -13.40 18.28 -9.82
CA ARG B 55 -14.12 18.61 -11.05
C ARG B 55 -13.72 19.98 -11.57
N ALA B 56 -13.64 20.99 -10.70
CA ALA B 56 -13.39 22.35 -11.13
C ALA B 56 -12.03 22.49 -11.83
N GLU B 57 -11.00 21.85 -11.29
CA GLU B 57 -9.67 21.94 -11.86
C GLU B 57 -9.44 20.94 -12.99
N GLY B 58 -10.39 20.06 -13.27
CA GLY B 58 -10.23 19.06 -14.31
C GLY B 58 -11.20 19.19 -15.46
N GLU B 66 -9.21 12.38 -24.11
CA GLU B 66 -7.97 12.11 -24.83
C GLU B 66 -7.85 10.63 -25.22
N VAL B 67 -7.38 9.81 -24.28
CA VAL B 67 -7.29 8.37 -24.45
C VAL B 67 -7.87 7.72 -23.19
N ALA B 68 -8.84 6.89 -23.36
CA ALA B 68 -9.37 6.28 -22.17
C ALA B 68 -8.80 4.88 -21.98
N PRO B 69 -8.66 4.43 -20.74
CA PRO B 69 -8.25 3.04 -20.49
C PRO B 69 -9.32 2.07 -20.95
N ALA B 70 -8.94 0.81 -20.99
CA ALA B 70 -9.89 -0.25 -21.27
C ALA B 70 -10.83 -0.43 -20.08
N ALA B 71 -12.04 -0.92 -20.37
CA ALA B 71 -13.03 -1.13 -19.31
C ALA B 71 -12.50 -1.99 -18.19
N SER B 72 -11.65 -2.97 -18.50
CA SER B 72 -11.10 -3.83 -17.45
C SER B 72 -10.22 -3.04 -16.50
N VAL B 73 -9.44 -2.09 -17.03
CA VAL B 73 -8.62 -1.22 -16.20
C VAL B 73 -9.49 -0.31 -15.32
N GLU B 74 -10.57 0.22 -15.88
CA GLU B 74 -11.49 1.05 -15.08
C GLU B 74 -12.02 0.26 -13.89
N THR B 76 -10.73 -2.54 -12.47
CA THR B 76 -9.64 -2.80 -11.53
C THR B 76 -9.47 -1.65 -10.55
N GLY B 77 -9.49 -0.42 -11.06
CA GLY B 77 -9.34 0.74 -10.19
C GLY B 77 -10.54 0.94 -9.27
N ARG B 78 -11.75 0.74 -9.79
CA ARG B 78 -12.94 0.93 -8.97
C ARG B 78 -13.05 -0.14 -7.89
N LEU B 79 -12.62 -1.37 -8.19
CA LEU B 79 -12.53 -2.40 -7.16
C LEU B 79 -11.63 -1.96 -6.02
N ASP B 80 -10.52 -1.30 -6.34
CA ASP B 80 -9.60 -0.82 -5.31
C ASP B 80 -10.25 0.28 -4.47
N GLY B 81 -10.97 1.19 -5.11
CA GLY B 81 -11.70 2.21 -4.39
C GLY B 81 -12.76 1.64 -3.46
N LEU B 82 -13.51 0.64 -3.92
CA LEU B 82 -14.48 -0.01 -3.05
C LEU B 82 -13.76 -0.69 -1.89
N GLY B 83 -12.62 -1.33 -2.15
CA GLY B 83 -11.86 -1.93 -1.07
C GLY B 83 -11.47 -0.92 0.01
N ARG B 84 -11.03 0.26 -0.42
CA ARG B 84 -10.68 1.31 0.55
C ARG B 84 -11.88 1.71 1.39
N LEU B 85 -13.04 1.85 0.75
CA LEU B 85 -14.24 2.25 1.49
C LEU B 85 -14.65 1.17 2.47
N LEU B 86 -14.66 -0.10 2.03
CA LEU B 86 -15.06 -1.19 2.90
C LEU B 86 -14.12 -1.33 4.10
N ASP B 87 -12.82 -1.18 3.87
CA ASP B 87 -11.84 -1.30 4.96
C ASP B 87 -12.02 -0.18 5.99
N ALA B 88 -12.26 1.05 5.52
CA ALA B 88 -12.53 2.13 6.45
C ALA B 88 -13.82 1.89 7.22
N ALA B 89 -14.90 1.55 6.51
CA ALA B 89 -16.18 1.27 7.15
C ALA B 89 -16.06 0.16 8.18
N SER B 90 -15.25 -0.86 7.90
CA SER B 90 -15.13 -2.00 8.81
C SER B 90 -14.45 -1.60 10.11
N VAL B 91 -13.45 -0.73 10.04
CA VAL B 91 -12.83 -0.27 11.28
C VAL B 91 -13.80 0.62 12.05
N GLY B 92 -14.46 1.56 11.36
CA GLY B 92 -15.26 2.54 12.05
C GLY B 92 -16.54 2.01 12.66
N TYR B 93 -17.09 0.90 12.11
CA TYR B 93 -18.43 0.44 12.45
C TYR B 93 -18.52 -1.06 12.72
N GLY B 94 -17.39 -1.78 12.68
CA GLY B 94 -17.37 -3.20 12.93
C GLY B 94 -17.75 -3.59 14.34
N ALA B 95 -17.66 -2.65 15.29
CA ALA B 95 -18.06 -2.98 16.64
C ALA B 95 -19.57 -3.24 16.72
N GLN B 96 -20.35 -2.59 15.87
CA GLN B 96 -21.80 -2.64 15.96
C GLN B 96 -22.49 -3.18 14.72
N SER B 97 -21.90 -3.02 13.53
CA SER B 97 -22.61 -3.23 12.27
C SER B 97 -22.02 -4.37 11.45
N ARG B 98 -21.53 -5.42 12.10
CA ARG B 98 -20.91 -6.50 11.31
C ARG B 98 -21.90 -7.17 10.38
N GLY B 99 -23.19 -7.20 10.74
CA GLY B 99 -24.18 -7.80 9.85
C GLY B 99 -24.24 -7.10 8.51
N VAL B 100 -24.36 -5.78 8.53
CA VAL B 100 -24.43 -5.01 7.30
C VAL B 100 -23.09 -5.04 6.57
N LEU B 101 -21.97 -4.93 7.30
CA LEU B 101 -20.66 -4.94 6.68
C LEU B 101 -20.39 -6.25 5.95
N ARG B 102 -20.83 -7.36 6.54
CA ARG B 102 -20.68 -8.65 5.86
C ARG B 102 -21.44 -8.67 4.53
N GLN B 103 -22.65 -8.12 4.51
CA GLN B 103 -23.40 -8.01 3.27
C GLN B 103 -22.63 -7.20 2.24
N ALA B 104 -22.05 -6.07 2.68
CA ALA B 104 -21.33 -5.22 1.72
C ALA B 104 -20.11 -5.96 1.16
N VAL B 105 -19.40 -6.72 2.00
CA VAL B 105 -18.26 -7.47 1.51
C VAL B 105 -18.71 -8.60 0.58
N GLU B 106 -19.82 -9.28 0.91
CA GLU B 106 -20.34 -10.29 0.00
C GLU B 106 -20.63 -9.72 -1.38
N LYS B 107 -21.20 -8.51 -1.44
CA LYS B 107 -21.44 -7.89 -2.75
C LYS B 107 -20.13 -7.62 -3.49
N ARG B 108 -19.11 -7.20 -2.77
CA ARG B 108 -17.81 -6.97 -3.42
C ARG B 108 -17.24 -8.29 -3.95
N VAL B 109 -17.49 -9.40 -3.27
CA VAL B 109 -17.07 -10.71 -3.80
C VAL B 109 -17.79 -11.00 -5.11
N GLU B 110 -19.10 -10.74 -5.18
CA GLU B 110 -19.80 -10.88 -6.45
C GLU B 110 -19.23 -9.95 -7.52
N ALA B 111 -18.76 -8.77 -7.14
CA ALA B 111 -18.17 -7.88 -8.14
C ALA B 111 -16.90 -8.50 -8.73
N VAL B 112 -16.09 -9.13 -7.89
CA VAL B 112 -14.85 -9.75 -8.38
C VAL B 112 -15.18 -10.94 -9.27
N THR B 113 -16.19 -11.72 -8.90
CA THR B 113 -16.64 -12.83 -9.75
C THR B 113 -17.09 -12.33 -11.12
N ALA B 114 -17.89 -11.27 -11.16
CA ALA B 114 -18.32 -10.68 -12.43
C ALA B 114 -17.12 -10.18 -13.22
N TYR B 115 -16.20 -9.49 -12.54
CA TYR B 115 -14.99 -8.99 -13.16
C TYR B 115 -14.17 -10.13 -13.78
N GLU B 116 -14.07 -11.27 -13.08
CA GLU B 116 -13.32 -12.42 -13.57
C GLU B 116 -13.95 -13.01 -14.84
N LYS B 117 -15.28 -12.95 -14.96
CA LYS B 117 -15.97 -13.38 -16.16
C LYS B 117 -15.95 -12.32 -17.25
N LYS B 118 -15.32 -11.18 -17.02
CA LYS B 118 -15.33 -10.05 -17.95
C LYS B 118 -16.73 -9.50 -18.19
N ASP B 119 -17.62 -9.65 -17.21
CA ASP B 119 -18.94 -9.00 -17.25
C ASP B 119 -18.83 -7.72 -16.42
N PHE B 120 -18.28 -6.68 -17.05
CA PHE B 120 -17.97 -5.45 -16.32
C PHE B 120 -19.24 -4.69 -15.93
N ALA B 121 -20.32 -4.84 -16.68
CA ALA B 121 -21.58 -4.20 -16.26
C ALA B 121 -22.08 -4.81 -14.97
N ALA B 122 -22.03 -6.13 -14.83
CA ALA B 122 -22.42 -6.75 -13.58
C ALA B 122 -21.46 -6.40 -12.44
N ALA B 123 -20.17 -6.26 -12.76
CA ALA B 123 -19.20 -5.84 -11.75
C ALA B 123 -19.56 -4.47 -11.20
N ALA B 124 -19.78 -3.50 -12.09
CA ALA B 124 -20.13 -2.15 -11.65
C ALA B 124 -21.42 -2.13 -10.85
N ALA B 125 -22.40 -2.92 -11.26
CA ALA B 125 -23.67 -2.99 -10.54
C ALA B 125 -23.49 -3.61 -9.15
N ALA B 126 -22.70 -4.68 -9.06
CA ALA B 126 -22.46 -5.27 -7.75
C ALA B 126 -21.70 -4.31 -6.84
N ASP B 128 -21.85 -0.93 -6.89
CA ASP B 128 -22.82 0.05 -6.42
C ASP B 128 -23.71 -0.53 -5.34
N GLY B 129 -24.08 -1.81 -5.48
CA GLY B 129 -24.84 -2.47 -4.43
C GLY B 129 -24.07 -2.53 -3.12
N SER B 130 -22.77 -2.88 -3.19
CA SER B 130 -21.94 -2.92 -2.00
C SER B 130 -21.92 -1.57 -1.28
N ALA B 131 -21.71 -0.49 -2.01
CA ALA B 131 -21.67 0.83 -1.37
C ALA B 131 -23.03 1.23 -0.82
N SER B 132 -24.11 0.91 -1.52
CA SER B 132 -25.44 1.24 -1.00
C SER B 132 -25.72 0.53 0.31
N LEU B 133 -25.25 -0.72 0.44
CA LEU B 133 -25.48 -1.45 1.68
C LEU B 133 -24.83 -0.76 2.86
N LEU B 134 -23.71 -0.07 2.65
CA LEU B 134 -23.03 0.61 3.76
C LEU B 134 -23.87 1.73 4.35
N ALA B 135 -24.87 2.26 3.61
CA ALA B 135 -25.77 3.25 4.19
C ALA B 135 -26.32 2.78 5.53
N GLY B 136 -26.52 1.47 5.69
CA GLY B 136 -27.07 0.91 6.91
C GLY B 136 -26.18 1.02 8.13
N ILE B 137 -24.90 1.38 7.96
CA ILE B 137 -24.06 1.52 9.14
C ILE B 137 -24.26 2.90 9.79
N ALA B 138 -24.66 3.91 9.02
CA ALA B 138 -24.88 5.26 9.55
C ALA B 138 -26.06 5.87 8.81
N PRO B 139 -27.28 5.42 9.14
CA PRO B 139 -28.44 5.78 8.31
C PRO B 139 -28.84 7.25 8.38
N THR B 140 -28.35 8.02 9.36
CA THR B 140 -28.54 9.46 9.31
C THR B 140 -27.47 10.17 8.47
N ARG B 141 -26.55 9.42 7.88
CA ARG B 141 -25.47 10.01 7.10
C ARG B 141 -25.32 9.28 5.77
N THR B 142 -26.45 8.96 5.14
CA THR B 142 -26.39 8.22 3.88
C THR B 142 -25.86 9.08 2.75
N GLU B 143 -26.18 10.38 2.73
CA GLU B 143 -25.62 11.25 1.70
C GLU B 143 -24.10 11.29 1.79
N GLU B 144 -23.58 11.36 3.01
CA GLU B 144 -22.14 11.36 3.21
C GLU B 144 -21.51 10.07 2.70
N LEU B 145 -22.11 8.91 3.02
CA LEU B 145 -21.56 7.64 2.53
C LEU B 145 -21.63 7.56 1.02
N ALA B 146 -22.71 8.10 0.42
CA ALA B 146 -22.80 8.11 -1.03
C ALA B 146 -21.75 9.01 -1.65
N GLY B 147 -21.44 10.14 -1.00
CA GLY B 147 -20.41 11.01 -1.52
C GLY B 147 -19.03 10.40 -1.43
N LEU B 148 -18.78 9.61 -0.39
CA LEU B 148 -17.51 8.92 -0.27
C LEU B 148 -17.33 7.92 -1.41
N TRP B 149 -18.39 7.21 -1.77
CA TRP B 149 -18.31 6.24 -2.87
C TRP B 149 -18.12 6.96 -4.21
N ARG B 150 -18.88 8.03 -4.45
CA ARG B 150 -18.67 8.82 -5.66
C ARG B 150 -17.22 9.30 -5.78
N LEU B 151 -16.65 9.81 -4.67
CA LEU B 151 -15.27 10.29 -4.71
C LEU B 151 -14.31 9.16 -5.07
N GLU B 152 -14.49 7.98 -4.47
CA GLU B 152 -13.63 6.85 -4.82
C GLU B 152 -13.76 6.49 -6.28
N LYS B 153 -15.00 6.46 -6.80
CA LYS B 153 -15.17 6.19 -8.23
C LYS B 153 -14.54 7.28 -9.08
N GLU B 154 -14.69 8.55 -8.66
CA GLU B 154 -14.10 9.64 -9.42
C GLU B 154 -12.56 9.59 -9.42
N LEU B 155 -11.96 9.30 -8.27
CA LEU B 155 -10.50 9.20 -8.22
C LEU B 155 -10.00 8.00 -9.00
N ALA B 156 -10.75 6.89 -8.97
CA ALA B 156 -10.32 5.72 -9.74
C ALA B 156 -10.28 6.02 -11.23
N THR B 157 -11.33 6.67 -11.75
CA THR B 157 -11.35 7.03 -13.15
C THR B 157 -10.25 8.04 -13.47
N ALA B 158 -10.04 9.00 -12.56
CA ALA B 158 -9.05 10.03 -12.84
C ALA B 158 -7.64 9.44 -12.88
N HIS B 159 -7.32 8.55 -11.93
CA HIS B 159 -6.00 7.93 -11.94
C HIS B 159 -5.81 7.04 -13.17
N ALA B 160 -6.86 6.30 -13.55
CA ALA B 160 -6.70 5.41 -14.71
C ALA B 160 -6.45 6.21 -15.98
N ALA B 161 -7.11 7.36 -16.12
CA ALA B 161 -6.89 8.18 -17.31
C ALA B 161 -5.47 8.75 -17.31
N HIS B 162 -4.94 9.12 -16.15
CA HIS B 162 -3.58 9.64 -16.10
C HIS B 162 -2.55 8.55 -16.34
N GLU B 163 -2.80 7.36 -15.78
CA GLU B 163 -1.89 6.25 -15.98
C GLU B 163 -1.92 5.77 -17.43
N ALA B 164 -3.10 5.83 -18.06
CA ALA B 164 -3.19 5.48 -19.47
C ALA B 164 -2.41 6.46 -20.34
N ALA B 165 -2.67 7.77 -20.16
CA ALA B 165 -2.01 8.79 -20.98
C ALA B 165 -0.50 8.86 -20.72
N ARG B 166 -0.06 8.47 -19.53
CA ARG B 166 1.36 8.54 -19.21
C ARG B 166 2.18 7.67 -20.18
N TRP B 167 1.64 6.51 -20.56
CA TRP B 167 2.35 5.60 -21.45
C TRP B 167 1.81 5.62 -22.88
N THR B 168 0.57 6.03 -23.06
CA THR B 168 0.02 6.12 -24.41
C THR B 168 0.72 7.21 -25.21
N ARG B 169 0.95 8.38 -24.60
CA ARG B 169 1.58 9.46 -25.34
C ARG B 169 2.95 9.07 -25.89
N PRO B 170 3.86 8.47 -25.11
CA PRO B 170 5.14 8.06 -25.73
C PRO B 170 4.99 6.91 -26.70
N LEU B 172 2.55 6.30 -28.69
CA LEU B 172 2.09 6.89 -29.94
C LEU B 172 3.24 7.56 -30.69
N SER B 173 4.11 8.26 -29.96
CA SER B 173 5.24 8.91 -30.60
C SER B 173 6.19 7.89 -31.22
N HIS B 175 5.43 4.72 -32.10
CA HIS B 175 4.69 4.09 -33.19
C HIS B 175 4.73 4.97 -34.45
N GLU B 176 4.52 6.27 -34.29
CA GLU B 176 4.55 7.18 -35.43
C GLU B 176 5.96 7.29 -36.01
N GLN B 177 7.00 7.28 -35.15
CA GLN B 177 8.36 7.29 -35.67
C GLN B 177 8.67 6.02 -36.45
N LEU B 178 8.34 4.86 -35.89
CA LEU B 178 8.59 3.61 -36.60
C LEU B 178 7.76 3.52 -37.87
N SER B 179 6.51 4.01 -37.84
CA SER B 179 5.71 4.02 -39.06
C SER B 179 6.37 4.84 -40.15
N GLU B 180 6.92 6.00 -39.80
CA GLU B 180 7.64 6.81 -40.79
C GLU B 180 8.92 6.13 -41.27
N ASN B 181 9.66 5.49 -40.37
CA ASN B 181 10.92 4.88 -40.77
C ASN B 181 10.73 3.65 -41.62
N LEU B 182 9.65 2.90 -41.41
CA LEU B 182 9.47 1.61 -42.08
C LEU B 182 8.65 1.70 -43.35
N TYR B 183 7.67 2.58 -43.39
CA TYR B 183 6.74 2.64 -44.50
C TYR B 183 6.70 3.99 -45.18
N PHE B 184 7.39 4.99 -44.61
CA PHE B 184 7.51 6.32 -45.20
C PHE B 184 6.14 6.96 -45.44
N GLN B 185 5.27 6.83 -44.44
CA GLN B 185 3.91 7.34 -44.49
C GLN B 185 3.85 8.73 -43.85
N GLY C 2 6.96 -0.69 -11.97
CA GLY C 2 6.56 0.49 -11.24
C GLY C 2 6.03 1.59 -12.13
N SER C 3 6.40 2.83 -11.84
CA SER C 3 5.96 3.98 -12.62
C SER C 3 6.95 4.39 -13.69
N PHE C 5 8.48 1.79 -15.62
CA PHE C 5 8.48 0.62 -16.48
C PHE C 5 7.04 0.28 -16.83
N THR C 6 6.85 -0.31 -18.01
CA THR C 6 5.55 -0.89 -18.35
C THR C 6 5.79 -2.08 -19.26
N PHE C 7 4.93 -3.08 -19.15
CA PHE C 7 5.12 -4.33 -19.86
C PHE C 7 4.09 -4.46 -20.97
N LEU C 8 4.57 -4.74 -22.17
CA LEU C 8 3.68 -5.04 -23.27
C LEU C 8 3.07 -6.41 -23.05
N LEU C 9 1.75 -6.49 -23.11
CA LEU C 9 1.02 -7.72 -22.88
C LEU C 9 0.21 -8.06 -24.12
N ASN C 10 0.91 -8.41 -25.19
CA ASN C 10 0.27 -8.86 -26.42
C ASN C 10 0.14 -10.38 -26.48
N GLU C 11 1.00 -11.10 -25.78
CA GLU C 11 1.03 -12.55 -25.81
C GLU C 11 -0.29 -13.18 -25.37
N GLU C 12 -1.18 -12.41 -24.74
CA GLU C 12 -2.50 -12.87 -24.31
C GLU C 12 -2.43 -14.00 -23.28
N GLU C 13 -1.53 -14.97 -23.47
CA GLU C 13 -1.32 -15.97 -22.42
C GLU C 13 -0.55 -15.40 -21.24
N THR C 14 0.28 -14.38 -21.46
CA THR C 14 0.89 -13.66 -20.35
C THR C 14 -0.06 -12.63 -19.78
N LEU C 15 -0.93 -12.05 -20.61
CA LEU C 15 -2.07 -11.29 -20.11
C LEU C 15 -2.89 -12.12 -19.13
N ALA C 16 -3.35 -13.29 -19.58
CA ALA C 16 -4.22 -14.13 -18.75
C ALA C 16 -3.52 -14.63 -17.51
N LEU C 17 -2.20 -14.87 -17.57
CA LEU C 17 -1.50 -15.30 -16.37
C LEU C 17 -1.40 -14.17 -15.34
N GLU C 18 -1.17 -12.95 -15.81
CA GLU C 18 -1.10 -11.82 -14.88
C GLU C 18 -2.46 -11.52 -14.26
N GLN C 19 -3.52 -11.54 -15.06
CA GLN C 19 -4.85 -11.27 -14.53
C GLN C 19 -5.29 -12.36 -13.56
N ARG C 20 -4.86 -13.61 -13.80
CA ARG C 20 -5.19 -14.69 -12.88
C ARG C 20 -4.54 -14.48 -11.53
N LEU C 21 -3.27 -14.02 -11.51
CA LEU C 21 -2.62 -13.74 -10.24
C LEU C 21 -3.23 -12.53 -9.55
N ASP C 22 -3.54 -11.47 -10.31
CA ASP C 22 -4.16 -10.31 -9.69
C ASP C 22 -5.52 -10.65 -9.12
N THR C 23 -6.26 -11.53 -9.80
CA THR C 23 -7.60 -11.86 -9.33
C THR C 23 -7.56 -12.78 -8.11
N ALA C 24 -6.61 -13.74 -8.08
CA ALA C 24 -6.43 -14.50 -6.85
C ALA C 24 -6.04 -13.58 -5.69
N ARG C 25 -5.28 -12.52 -5.96
CA ARG C 25 -4.96 -11.56 -4.90
C ARG C 25 -6.22 -10.85 -4.40
N LEU C 26 -7.13 -10.44 -5.31
CA LEU C 26 -8.39 -9.82 -4.89
C LEU C 26 -9.23 -10.78 -4.05
N ARG C 27 -9.28 -12.06 -4.46
CA ARG C 27 -9.96 -13.09 -3.69
C ARG C 27 -9.40 -13.19 -2.27
N ALA C 28 -8.07 -13.27 -2.15
CA ALA C 28 -7.48 -13.39 -0.82
C ALA C 28 -7.75 -12.15 0.01
N ASP C 29 -7.72 -10.97 -0.63
CA ASP C 29 -8.06 -9.75 0.09
C ASP C 29 -9.48 -9.82 0.63
N ASP C 30 -10.42 -10.34 -0.16
CA ASP C 30 -11.79 -10.37 0.33
C ASP C 30 -11.99 -11.42 1.41
N ALA C 31 -11.25 -12.54 1.35
CA ALA C 31 -11.25 -13.47 2.47
C ALA C 31 -10.74 -12.78 3.73
N LEU C 32 -9.67 -11.98 3.60
CA LEU C 32 -9.19 -11.27 4.79
C LEU C 32 -10.20 -10.24 5.27
N ARG C 33 -10.99 -9.64 4.35
CA ARG C 33 -12.04 -8.71 4.77
C ARG C 33 -13.11 -9.41 5.59
N PHE C 34 -13.43 -10.68 5.28
CA PHE C 34 -14.33 -11.42 6.15
C PHE C 34 -13.68 -11.70 7.50
N LEU C 35 -12.37 -12.00 7.50
CA LEU C 35 -11.68 -12.22 8.78
C LEU C 35 -11.72 -10.95 9.61
N ARG C 36 -11.62 -9.76 8.97
CA ARG C 36 -11.71 -8.49 9.69
C ARG C 36 -13.07 -8.27 10.32
N LEU C 37 -14.09 -8.99 9.86
CA LEU C 37 -15.42 -8.96 10.45
C LEU C 37 -15.69 -10.19 11.30
N GLY C 38 -14.65 -10.94 11.66
CA GLY C 38 -14.84 -12.11 12.50
C GLY C 38 -15.53 -13.29 11.83
N GLU C 39 -15.54 -13.34 10.51
CA GLU C 39 -16.19 -14.43 9.78
C GLU C 39 -15.13 -15.39 9.26
N ALA C 40 -14.50 -16.10 10.21
CA ALA C 40 -13.41 -16.98 9.87
C ALA C 40 -13.88 -18.15 9.01
N GLU C 41 -15.13 -18.59 9.16
CA GLU C 41 -15.60 -19.73 8.37
C GLU C 41 -15.63 -19.40 6.89
N GLU C 42 -16.23 -18.26 6.54
CA GLU C 42 -16.29 -17.85 5.14
C GLU C 42 -14.92 -17.44 4.63
N ALA C 43 -14.12 -16.75 5.45
CA ALA C 43 -12.75 -16.44 5.06
C ALA C 43 -11.99 -17.70 4.65
N GLY C 44 -12.10 -18.76 5.45
CA GLY C 44 -11.41 -20.00 5.12
C GLY C 44 -11.97 -20.69 3.90
N ARG C 45 -13.30 -20.73 3.77
CA ARG C 45 -13.91 -21.33 2.57
C ARG C 45 -13.39 -20.66 1.29
N ILE C 46 -13.32 -19.33 1.29
CA ILE C 46 -12.81 -18.63 0.12
C ILE C 46 -11.35 -18.95 -0.11
N ALA C 47 -10.56 -18.97 0.96
CA ALA C 47 -9.13 -19.24 0.82
C ALA C 47 -8.87 -20.61 0.21
N LYS C 48 -9.68 -21.60 0.60
CA LYS C 48 -9.45 -22.96 0.08
C LYS C 48 -9.85 -23.06 -1.39
N GLU C 49 -10.99 -22.46 -1.76
CA GLU C 49 -11.37 -22.42 -3.16
C GLU C 49 -10.33 -21.71 -3.99
N THR C 50 -9.78 -20.61 -3.47
CA THR C 50 -8.80 -19.86 -4.24
C THR C 50 -7.52 -20.66 -4.42
N SER C 51 -7.03 -21.28 -3.35
CA SER C 51 -5.82 -22.09 -3.43
C SER C 51 -6.00 -23.23 -4.43
N THR C 52 -7.13 -23.91 -4.37
CA THR C 52 -7.41 -25.05 -5.25
C THR C 52 -7.42 -24.61 -6.70
N GLN C 53 -8.12 -23.52 -7.01
CA GLN C 53 -8.16 -23.05 -8.39
C GLN C 53 -6.79 -22.57 -8.85
N LEU C 54 -6.08 -21.84 -7.98
CA LEU C 54 -4.78 -21.31 -8.38
C LEU C 54 -3.81 -22.44 -8.70
N ARG C 55 -3.80 -23.49 -7.88
CA ARG C 55 -2.90 -24.61 -8.12
C ARG C 55 -3.27 -25.34 -9.41
N ALA C 56 -4.56 -25.60 -9.61
CA ALA C 56 -4.99 -26.31 -10.81
C ALA C 56 -4.63 -25.53 -12.07
N GLU C 57 -4.88 -24.22 -12.07
CA GLU C 57 -4.61 -23.44 -13.27
C GLU C 57 -3.11 -23.26 -13.51
N GLY C 58 -2.29 -23.38 -12.47
CA GLY C 58 -0.85 -23.35 -12.66
C GLY C 58 -0.24 -24.64 -13.16
N GLN C 59 -0.99 -25.74 -13.13
CA GLN C 59 -0.44 -27.06 -13.46
C GLN C 59 0.06 -27.13 -14.90
N GLY C 60 1.28 -27.64 -15.06
CA GLY C 60 1.88 -27.75 -16.37
C GLY C 60 2.47 -26.47 -16.92
N GLN C 61 2.53 -25.41 -16.10
CA GLN C 61 3.03 -24.12 -16.55
C GLN C 61 4.33 -23.76 -15.83
N ALA C 68 14.53 -18.67 -11.19
CA ALA C 68 14.13 -19.03 -9.83
C ALA C 68 14.55 -17.93 -8.84
N PRO C 69 13.56 -17.27 -8.23
CA PRO C 69 13.86 -16.14 -7.34
C PRO C 69 14.73 -16.58 -6.18
N ALA C 70 15.51 -15.63 -5.66
CA ALA C 70 16.34 -15.91 -4.51
C ALA C 70 15.48 -16.18 -3.27
N ALA C 71 16.09 -16.85 -2.29
CA ALA C 71 15.40 -17.06 -1.02
C ALA C 71 15.01 -15.74 -0.39
N SER C 72 15.89 -14.73 -0.46
CA SER C 72 15.56 -13.43 0.09
C SER C 72 14.31 -12.85 -0.55
N VAL C 73 14.16 -13.03 -1.87
CA VAL C 73 13.01 -12.47 -2.56
C VAL C 73 11.74 -13.19 -2.16
N GLU C 74 11.81 -14.52 -2.04
CA GLU C 74 10.66 -15.28 -1.57
C GLU C 74 10.21 -14.80 -0.20
N THR C 76 10.84 -11.94 1.41
CA THR C 76 10.27 -10.59 1.42
C THR C 76 8.78 -10.64 1.09
N GLY C 77 8.42 -11.43 0.09
CA GLY C 77 7.01 -11.58 -0.24
C GLY C 77 6.23 -12.31 0.84
N ARG C 78 6.84 -13.32 1.45
CA ARG C 78 6.11 -14.07 2.47
C ARG C 78 5.89 -13.23 3.71
N LEU C 79 6.88 -12.39 4.07
CA LEU C 79 6.71 -11.45 5.17
C LEU C 79 5.51 -10.55 4.95
N ASP C 80 5.32 -10.08 3.73
CA ASP C 80 4.18 -9.23 3.41
C ASP C 80 2.87 -9.99 3.53
N GLY C 81 2.86 -11.26 3.11
CA GLY C 81 1.66 -12.07 3.28
C GLY C 81 1.32 -12.28 4.75
N LEU C 82 2.34 -12.58 5.57
CA LEU C 82 2.12 -12.67 7.01
C LEU C 82 1.60 -11.35 7.56
N GLY C 83 2.17 -10.23 7.11
CA GLY C 83 1.67 -8.93 7.55
C GLY C 83 0.20 -8.73 7.25
N ARG C 84 -0.24 -9.13 6.05
CA ARG C 84 -1.65 -8.99 5.70
C ARG C 84 -2.53 -9.80 6.62
N LEU C 85 -2.13 -11.04 6.91
CA LEU C 85 -2.94 -11.92 7.74
C LEU C 85 -3.00 -11.39 9.17
N LEU C 86 -1.86 -10.96 9.71
CA LEU C 86 -1.86 -10.41 11.06
C LEU C 86 -2.74 -9.17 11.16
N ASP C 87 -2.67 -8.28 10.17
CA ASP C 87 -3.45 -7.05 10.24
C ASP C 87 -4.94 -7.34 10.20
N ALA C 88 -5.36 -8.27 9.34
CA ALA C 88 -6.78 -8.64 9.28
C ALA C 88 -7.23 -9.26 10.60
N ALA C 89 -6.45 -10.20 11.12
CA ALA C 89 -6.82 -10.86 12.37
C ALA C 89 -6.88 -9.86 13.52
N SER C 90 -6.02 -8.86 13.52
CA SER C 90 -6.05 -7.85 14.57
C SER C 90 -7.32 -7.01 14.52
N VAL C 91 -7.79 -6.65 13.32
CA VAL C 91 -9.06 -5.92 13.26
C VAL C 91 -10.22 -6.82 13.67
N GLY C 92 -10.22 -8.06 13.19
CA GLY C 92 -11.38 -8.92 13.44
C GLY C 92 -11.46 -9.44 14.86
N TYR C 93 -10.33 -9.54 15.55
CA TYR C 93 -10.29 -10.25 16.83
C TYR C 93 -9.57 -9.49 17.93
N GLY C 94 -9.12 -8.26 17.66
CA GLY C 94 -8.42 -7.49 18.67
C GLY C 94 -9.27 -7.12 19.87
N ALA C 95 -10.59 -7.05 19.70
CA ALA C 95 -11.45 -6.76 20.84
C ALA C 95 -11.44 -7.87 21.88
N GLN C 96 -11.12 -9.10 21.49
CA GLN C 96 -11.22 -10.24 22.38
C GLN C 96 -9.92 -11.00 22.60
N SER C 97 -8.97 -10.98 21.65
CA SER C 97 -7.87 -11.94 21.64
C SER C 97 -6.53 -11.25 21.55
N ARG C 98 -6.37 -10.10 22.20
CA ARG C 98 -5.10 -9.40 22.08
C ARG C 98 -3.94 -10.21 22.64
N GLY C 99 -4.22 -11.10 23.60
CA GLY C 99 -3.15 -11.91 24.17
C GLY C 99 -2.52 -12.82 23.13
N VAL C 100 -3.37 -13.53 22.38
CA VAL C 100 -2.89 -14.42 21.32
C VAL C 100 -2.29 -13.62 20.17
N LEU C 101 -2.92 -12.51 19.79
CA LEU C 101 -2.42 -11.74 18.66
C LEU C 101 -1.04 -11.19 18.98
N ARG C 102 -0.81 -10.78 20.22
CA ARG C 102 0.51 -10.30 20.60
C ARG C 102 1.57 -11.39 20.42
N GLN C 103 1.25 -12.63 20.80
CA GLN C 103 2.20 -13.72 20.59
C GLN C 103 2.52 -13.91 19.10
N ALA C 104 1.51 -13.81 18.25
CA ALA C 104 1.74 -14.00 16.82
C ALA C 104 2.65 -12.91 16.27
N VAL C 105 2.43 -11.65 16.69
CA VAL C 105 3.27 -10.55 16.20
C VAL C 105 4.70 -10.73 16.70
N GLU C 106 4.87 -11.19 17.93
CA GLU C 106 6.22 -11.43 18.45
C GLU C 106 6.97 -12.41 17.56
N LYS C 107 6.28 -13.42 17.04
CA LYS C 107 6.91 -14.38 16.16
C LYS C 107 7.26 -13.76 14.81
N ARG C 108 6.40 -12.87 14.29
CA ARG C 108 6.74 -12.11 13.09
C ARG C 108 8.00 -11.28 13.31
N VAL C 109 8.12 -10.61 14.47
CA VAL C 109 9.33 -9.87 14.79
C VAL C 109 10.56 -10.77 14.69
N GLU C 110 10.46 -11.98 15.28
CA GLU C 110 11.57 -12.93 15.20
C GLU C 110 11.89 -13.30 13.77
N ALA C 111 10.86 -13.43 12.92
CA ALA C 111 11.10 -13.72 11.51
C ALA C 111 11.87 -12.60 10.82
N VAL C 112 11.54 -11.35 11.15
CA VAL C 112 12.23 -10.23 10.50
C VAL C 112 13.68 -10.18 10.95
N THR C 113 13.94 -10.53 12.21
CA THR C 113 15.31 -10.65 12.70
C THR C 113 16.07 -11.73 11.96
N ALA C 114 15.44 -12.88 11.72
CA ALA C 114 16.11 -13.94 10.98
C ALA C 114 16.34 -13.52 9.54
N TYR C 115 15.38 -12.81 8.96
CA TYR C 115 15.51 -12.32 7.59
C TYR C 115 16.66 -11.32 7.48
N GLU C 116 16.79 -10.44 8.46
CA GLU C 116 17.87 -9.46 8.46
C GLU C 116 19.23 -10.15 8.57
N LYS C 117 19.30 -11.23 9.34
CA LYS C 117 20.50 -12.05 9.46
C LYS C 117 20.73 -12.91 8.24
N LYS C 118 19.82 -12.88 7.27
CA LYS C 118 19.87 -13.74 6.09
C LYS C 118 19.73 -15.22 6.43
N ASP C 119 19.24 -15.56 7.62
CA ASP C 119 18.86 -16.93 7.94
C ASP C 119 17.42 -17.15 7.47
N PHE C 120 17.28 -17.46 6.18
CA PHE C 120 15.96 -17.51 5.58
C PHE C 120 15.19 -18.77 5.98
N ALA C 121 15.88 -19.86 6.31
CA ALA C 121 15.20 -21.03 6.83
C ALA C 121 14.54 -20.74 8.17
N ALA C 122 15.29 -20.12 9.08
CA ALA C 122 14.73 -19.72 10.37
C ALA C 122 13.59 -18.72 10.19
N ALA C 123 13.72 -17.82 9.21
CA ALA C 123 12.66 -16.85 8.96
C ALA C 123 11.37 -17.56 8.56
N ALA C 124 11.47 -18.50 7.62
CA ALA C 124 10.28 -19.20 7.17
C ALA C 124 9.62 -19.97 8.30
N ALA C 125 10.43 -20.64 9.12
CA ALA C 125 9.87 -21.38 10.26
C ALA C 125 9.18 -20.45 11.26
N ALA C 126 9.80 -19.31 11.56
CA ALA C 126 9.21 -18.37 12.51
C ALA C 126 7.89 -17.80 12.00
N ASP C 128 5.73 -19.49 10.06
CA ASP C 128 4.77 -20.58 10.29
C ASP C 128 4.34 -20.62 11.76
N GLY C 129 5.27 -20.35 12.68
CA GLY C 129 4.89 -20.27 14.07
C GLY C 129 3.96 -19.11 14.36
N SER C 130 4.23 -17.95 13.75
CA SER C 130 3.32 -16.81 13.90
C SER C 130 1.91 -17.19 13.45
N ALA C 131 1.78 -17.77 12.25
CA ALA C 131 0.46 -18.13 11.74
C ALA C 131 -0.20 -19.20 12.62
N SER C 132 0.57 -20.19 13.08
CA SER C 132 0.01 -21.22 13.95
C SER C 132 -0.57 -20.61 15.22
N LEU C 133 0.19 -19.70 15.84
CA LEU C 133 -0.29 -19.05 17.06
C LEU C 133 -1.62 -18.34 16.85
N LEU C 134 -1.91 -17.89 15.62
CA LEU C 134 -3.17 -17.21 15.33
C LEU C 134 -4.39 -18.10 15.56
N ALA C 135 -4.22 -19.41 15.61
CA ALA C 135 -5.34 -20.33 15.81
C ALA C 135 -6.12 -20.00 17.08
N GLY C 136 -5.47 -19.43 18.08
CA GLY C 136 -6.13 -19.14 19.35
C GLY C 136 -7.23 -18.11 19.27
N ILE C 137 -7.21 -17.23 18.27
CA ILE C 137 -8.27 -16.23 18.16
C ILE C 137 -9.59 -16.87 17.78
N ALA C 138 -9.58 -18.07 17.17
CA ALA C 138 -10.79 -18.73 16.68
C ALA C 138 -10.59 -20.25 16.73
N PRO C 139 -10.60 -20.83 17.93
CA PRO C 139 -10.20 -22.25 18.06
C PRO C 139 -11.11 -23.23 17.33
N THR C 140 -12.34 -22.87 16.99
CA THR C 140 -13.14 -23.78 16.18
C THR C 140 -12.84 -23.66 14.69
N ARG C 141 -12.07 -22.65 14.28
CA ARG C 141 -11.81 -22.37 12.87
C ARG C 141 -10.32 -22.43 12.58
N THR C 142 -9.61 -23.34 13.24
CA THR C 142 -8.17 -23.40 13.06
C THR C 142 -7.79 -23.86 11.67
N GLU C 143 -8.58 -24.73 11.05
CA GLU C 143 -8.27 -25.12 9.67
C GLU C 143 -8.49 -23.97 8.71
N GLU C 144 -9.49 -23.14 8.97
CA GLU C 144 -9.69 -21.96 8.14
C GLU C 144 -8.49 -21.02 8.23
N LEU C 145 -7.99 -20.80 9.44
CA LEU C 145 -6.85 -19.91 9.63
C LEU C 145 -5.59 -20.46 8.97
N ALA C 146 -5.38 -21.78 9.03
CA ALA C 146 -4.25 -22.35 8.32
C ALA C 146 -4.43 -22.24 6.81
N GLY C 147 -5.67 -22.33 6.32
CA GLY C 147 -5.91 -22.17 4.89
C GLY C 147 -5.59 -20.77 4.40
N LEU C 148 -5.93 -19.75 5.18
CA LEU C 148 -5.58 -18.39 4.82
C LEU C 148 -4.07 -18.22 4.71
N TRP C 149 -3.32 -18.77 5.66
CA TRP C 149 -1.86 -18.64 5.63
C TRP C 149 -1.28 -19.36 4.43
N ARG C 150 -1.75 -20.57 4.13
CA ARG C 150 -1.27 -21.28 2.95
C ARG C 150 -1.50 -20.46 1.68
N LEU C 151 -2.67 -19.82 1.57
CA LEU C 151 -2.95 -19.00 0.40
C LEU C 151 -1.98 -17.83 0.31
N GLU C 152 -1.69 -17.17 1.44
CA GLU C 152 -0.74 -16.06 1.40
C GLU C 152 0.64 -16.55 0.94
N LYS C 153 1.11 -17.69 1.46
CA LYS C 153 2.39 -18.23 1.02
C LYS C 153 2.35 -18.59 -0.47
N GLU C 154 1.25 -19.20 -0.91
CA GLU C 154 1.15 -19.61 -2.31
C GLU C 154 1.13 -18.38 -3.22
N LEU C 155 0.43 -17.33 -2.81
CA LEU C 155 0.41 -16.11 -3.62
C LEU C 155 1.77 -15.44 -3.66
N ALA C 156 2.49 -15.42 -2.53
CA ALA C 156 3.82 -14.82 -2.53
C ALA C 156 4.78 -15.60 -3.43
N THR C 157 4.69 -16.93 -3.41
CA THR C 157 5.56 -17.74 -4.28
C THR C 157 5.24 -17.48 -5.75
N ALA C 158 3.96 -17.48 -6.10
CA ALA C 158 3.58 -17.28 -7.48
C ALA C 158 3.98 -15.89 -7.97
N HIS C 159 3.79 -14.86 -7.14
CA HIS C 159 4.10 -13.50 -7.59
C HIS C 159 5.59 -13.33 -7.82
N ALA C 160 6.42 -13.91 -6.94
CA ALA C 160 7.87 -13.83 -7.14
C ALA C 160 8.29 -14.51 -8.44
N ALA C 161 7.68 -15.67 -8.74
CA ALA C 161 7.96 -16.35 -10.01
C ALA C 161 7.57 -15.48 -11.20
N HIS C 162 6.33 -14.98 -11.21
CA HIS C 162 5.89 -14.10 -12.28
C HIS C 162 6.75 -12.86 -12.37
N GLU C 163 7.16 -12.32 -11.22
CA GLU C 163 8.05 -11.17 -11.22
C GLU C 163 9.44 -11.53 -11.72
N ALA C 164 9.86 -12.79 -11.57
CA ALA C 164 11.14 -13.21 -12.12
C ALA C 164 11.07 -13.38 -13.64
N ALA C 165 9.96 -13.92 -14.17
CA ALA C 165 9.80 -14.11 -15.60
C ALA C 165 9.52 -12.77 -16.28
N ARG C 166 9.83 -11.67 -15.60
CA ARG C 166 9.54 -10.33 -16.08
C ARG C 166 10.60 -9.83 -17.07
N TRP C 167 11.87 -10.11 -16.79
CA TRP C 167 12.97 -9.68 -17.65
C TRP C 167 12.88 -10.28 -19.04
N THR C 168 12.18 -11.40 -19.20
CA THR C 168 12.11 -12.07 -20.49
C THR C 168 11.05 -11.46 -21.40
N ARG C 169 10.12 -10.69 -20.86
CA ARG C 169 8.99 -10.10 -21.58
C ARG C 169 9.37 -8.74 -22.16
N PRO C 170 8.90 -8.42 -23.37
CA PRO C 170 9.18 -7.09 -23.93
C PRO C 170 8.65 -5.98 -23.02
N LEU C 172 8.85 -1.45 -21.87
CA LEU C 172 9.25 -0.07 -22.10
C LEU C 172 9.73 0.49 -20.78
N SER C 173 10.75 1.34 -20.84
CA SER C 173 11.20 2.02 -19.64
C SER C 173 11.52 3.47 -19.98
N HIS C 175 13.83 6.66 -18.91
CA HIS C 175 15.04 7.00 -18.17
C HIS C 175 14.82 8.29 -17.40
N GLU C 176 15.44 8.37 -16.23
CA GLU C 176 15.44 9.62 -15.48
C GLU C 176 16.51 10.55 -16.03
N GLN C 177 16.13 11.76 -16.39
CA GLN C 177 17.09 12.74 -16.88
C GLN C 177 17.81 13.38 -15.69
N LEU C 178 19.12 13.17 -15.58
CA LEU C 178 19.92 13.85 -14.57
C LEU C 178 20.45 15.18 -15.07
N SER C 179 20.76 15.30 -16.36
CA SER C 179 21.29 16.51 -16.95
C SER C 179 20.83 16.59 -18.39
N GLU C 180 21.24 17.64 -19.09
CA GLU C 180 20.89 17.79 -20.50
C GLU C 180 21.38 16.61 -21.33
N ASN C 181 22.44 15.93 -20.90
CA ASN C 181 23.07 14.86 -21.67
C ASN C 181 23.28 13.59 -20.85
N LEU C 182 22.63 13.47 -19.70
CA LEU C 182 22.90 12.33 -18.81
C LEU C 182 21.60 11.79 -18.25
N TYR C 183 21.40 10.47 -18.41
CA TYR C 183 20.18 9.78 -18.02
C TYR C 183 20.51 8.53 -17.21
N PHE C 184 19.57 8.11 -16.36
CA PHE C 184 19.68 6.86 -15.61
C PHE C 184 18.50 5.96 -15.90
N GLN C 185 18.75 4.65 -15.87
CA GLN C 185 17.68 3.66 -15.81
C GLN C 185 18.21 2.36 -15.24
#